data_3S13
#
_entry.id   3S13
#
_cell.length_a   111.867
_cell.length_b   111.867
_cell.length_c   192.090
_cell.angle_alpha   90.00
_cell.angle_beta   90.00
_cell.angle_gamma   120.00
#
_symmetry.space_group_name_H-M   'P 3 2 1'
#
loop_
_entity.id
_entity.type
_entity.pdbx_description
1 polymer 'Hemagglutinin HA1 chain'
2 polymer 'Hemagglutinin HA2 chain'
3 branched 2-acetamido-2-deoxy-beta-D-glucopyranose-(1-4)-2-acetamido-2-deoxy-beta-D-glucopyranose
4 non-polymer 'SULFATE ION'
5 water water
#
loop_
_entity_poly.entity_id
_entity_poly.type
_entity_poly.pdbx_seq_one_letter_code
_entity_poly.pdbx_strand_id
1 'polypeptide(L)'
;DLGSMADPGYLLEDQICIGYHANNSTEQVDTIMEKNVTVTHAQDILEKTHNGKLCDLDGVKPLILRDCSVAGWLLGNPMC
DEFINVPEWSYIVEKASPANDLCYPGDFNDYEELKHLLSRINHFEKIQIIPKSSWSNHEASSGVSSACPYLGKSSFFRNV
VWLIKKNSAYPTIKRSYNNTNQEDLLVLWGIHHPNDAAEQTKLYQNPTTYISVGTSTLNQRLVPKIATRSKVNGQSGRME
FFWTILKPNDAINFESNGNFIAPEYAYKIVKKGDSAIMKSELEYGNCNTKCQTPMGAINSSMPFHNIHPLTIGECPKYVK
SNRLVLATGLRNTPQR
;
A
2 'polypeptide(L)'
;GLFGAIAGFIEGGWQGMVDGWYGYHHSNEQGSGYAADKESTQKAIDGVTNKVNSIIDKMNTQFEAVGREFNNLERRIENL
NKKMEDGFLDVWTYNAELLVLMENERTLDFHDSNVKNLYDKVRLQLRDNAKELGNGCFEFYHKCDNECMESVKNGTYDYP
QYSEEARLNREEISGVRSLVPR
;
B
#
loop_
_chem_comp.id
_chem_comp.type
_chem_comp.name
_chem_comp.formula
NAG D-saccharide, beta linking 2-acetamido-2-deoxy-beta-D-glucopyranose 'C8 H15 N O6'
SO4 non-polymer 'SULFATE ION' 'O4 S -2'
#
# COMPACT_ATOMS: atom_id res chain seq x y z
N LEU A 46 -18.90 -29.59 -10.05
CA LEU A 46 -17.72 -28.88 -10.65
C LEU A 46 -18.12 -27.69 -11.55
N GLU A 47 -18.44 -26.57 -10.93
CA GLU A 47 -18.83 -25.35 -11.64
C GLU A 47 -17.67 -24.86 -12.51
N LYS A 48 -17.95 -24.61 -13.79
CA LYS A 48 -16.94 -24.14 -14.73
C LYS A 48 -17.25 -22.76 -15.29
N THR A 49 -18.33 -22.16 -14.80
CA THR A 49 -18.83 -20.92 -15.38
C THR A 49 -18.80 -19.74 -14.38
N HIS A 50 -18.33 -18.59 -14.86
CA HIS A 50 -18.29 -17.35 -14.07
C HIS A 50 -18.80 -16.17 -14.90
N ASN A 51 -19.13 -15.07 -14.23
CA ASN A 51 -19.72 -13.92 -14.92
C ASN A 51 -18.71 -12.90 -15.50
N GLY A 52 -17.41 -13.20 -15.38
CA GLY A 52 -16.35 -12.41 -16.02
C GLY A 52 -16.23 -10.95 -15.62
N LYS A 53 -16.73 -10.61 -14.44
CA LYS A 53 -16.65 -9.24 -13.91
C LYS A 53 -16.65 -9.22 -12.38
N LEU A 54 -16.31 -8.06 -11.80
CA LEU A 54 -16.16 -7.92 -10.34
C LEU A 54 -17.40 -7.30 -9.71
N CYS A 55 -17.96 -7.99 -8.74
CA CYS A 55 -19.21 -7.58 -8.09
C CYS A 55 -18.98 -7.16 -6.66
N ASP A 56 -20.05 -6.73 -5.98
CA ASP A 56 -20.02 -6.46 -4.56
C ASP A 56 -19.97 -7.79 -3.82
N LEU A 57 -19.57 -7.78 -2.55
CA LEU A 57 -19.60 -8.99 -1.76
C LEU A 57 -20.60 -8.86 -0.62
N ASP A 58 -21.84 -9.29 -0.89
CA ASP A 58 -23.01 -9.09 0.00
C ASP A 58 -23.35 -7.61 0.13
N GLY A 59 -23.50 -6.94 -1.01
CA GLY A 59 -23.90 -5.55 -1.06
C GLY A 59 -22.88 -4.56 -0.53
N VAL A 60 -21.65 -5.04 -0.31
CA VAL A 60 -20.54 -4.18 0.08
C VAL A 60 -19.60 -4.07 -1.12
N LYS A 61 -19.43 -2.85 -1.61
CA LYS A 61 -18.63 -2.62 -2.81
C LYS A 61 -17.13 -2.70 -2.52
N PRO A 62 -16.39 -3.44 -3.38
CA PRO A 62 -14.93 -3.49 -3.25
C PRO A 62 -14.28 -2.18 -3.66
N LEU A 63 -13.07 -1.95 -3.17
CA LEU A 63 -12.25 -0.82 -3.57
C LEU A 63 -11.46 -1.19 -4.82
N ILE A 64 -11.86 -0.66 -5.97
CA ILE A 64 -11.13 -0.92 -7.22
C ILE A 64 -10.21 0.25 -7.51
N LEU A 65 -8.91 -0.04 -7.51
CA LEU A 65 -7.88 0.99 -7.58
C LEU A 65 -7.58 1.50 -8.99
N ARG A 66 -8.20 0.88 -9.98
CA ARG A 66 -8.03 1.26 -11.38
C ARG A 66 -6.56 1.12 -11.76
N ASP A 67 -5.91 2.24 -12.04
CA ASP A 67 -4.50 2.23 -12.41
C ASP A 67 -3.54 2.64 -11.29
N CYS A 68 -4.09 2.87 -10.10
CA CYS A 68 -3.28 3.18 -8.92
C CYS A 68 -2.89 1.91 -8.17
N SER A 69 -1.73 1.97 -7.52
CA SER A 69 -1.26 0.89 -6.66
C SER A 69 -1.62 1.20 -5.21
N VAL A 70 -1.45 0.23 -4.32
CA VAL A 70 -1.66 0.46 -2.91
C VAL A 70 -0.74 1.59 -2.42
N ALA A 71 0.48 1.62 -2.96
CA ALA A 71 1.46 2.62 -2.56
C ALA A 71 1.03 4.02 -3.00
N GLY A 72 0.56 4.12 -4.25
CA GLY A 72 0.07 5.39 -4.80
C GLY A 72 -1.14 5.92 -4.07
N TRP A 73 -2.04 5.02 -3.71
CA TRP A 73 -3.23 5.38 -2.96
C TRP A 73 -2.88 5.91 -1.57
N LEU A 74 -2.09 5.16 -0.81
CA LEU A 74 -1.83 5.48 0.59
C LEU A 74 -0.95 6.72 0.75
N LEU A 75 0.03 6.87 -0.14
CA LEU A 75 0.93 8.02 -0.10
C LEU A 75 0.28 9.25 -0.70
N GLY A 76 -0.69 9.04 -1.59
CA GLY A 76 -1.41 10.12 -2.24
C GLY A 76 -0.77 10.63 -3.51
N ASN A 77 -0.47 9.72 -4.43
CA ASN A 77 -0.04 10.07 -5.77
C ASN A 77 -1.11 10.97 -6.37
N PRO A 78 -0.72 12.10 -6.99
CA PRO A 78 -1.70 13.05 -7.54
C PRO A 78 -2.65 12.46 -8.59
N MET A 79 -2.21 11.38 -9.25
CA MET A 79 -3.05 10.64 -10.19
C MET A 79 -4.06 9.75 -9.49
N CYS A 80 -4.16 9.85 -8.17
CA CYS A 80 -4.98 8.92 -7.39
C CYS A 80 -6.04 9.61 -6.53
N ASP A 81 -6.41 10.84 -6.91
CA ASP A 81 -7.38 11.64 -6.15
C ASP A 81 -8.75 11.00 -6.01
N GLU A 82 -9.08 10.11 -6.93
CA GLU A 82 -10.30 9.29 -6.87
C GLU A 82 -10.43 8.67 -5.47
N PHE A 83 -9.30 8.38 -4.85
CA PHE A 83 -9.28 7.64 -3.61
C PHE A 83 -8.85 8.45 -2.39
N ILE A 84 -8.94 9.78 -2.47
CA ILE A 84 -8.58 10.63 -1.33
C ILE A 84 -9.31 10.21 -0.06
N ASN A 85 -10.63 10.08 -0.15
CA ASN A 85 -11.43 9.53 0.96
C ASN A 85 -12.30 8.39 0.49
N VAL A 86 -12.05 7.22 1.05
CA VAL A 86 -12.65 5.98 0.56
C VAL A 86 -13.69 5.40 1.53
N PRO A 87 -14.89 5.07 1.03
CA PRO A 87 -15.87 4.36 1.83
C PRO A 87 -15.44 2.91 2.10
N GLU A 88 -15.95 2.35 3.20
CA GLU A 88 -15.78 0.94 3.56
C GLU A 88 -15.74 -0.03 2.36
N TRP A 89 -14.84 -1.01 2.41
CA TRP A 89 -14.71 -1.98 1.31
C TRP A 89 -14.85 -3.42 1.79
N SER A 90 -15.20 -4.30 0.87
CA SER A 90 -15.28 -5.73 1.17
C SER A 90 -13.92 -6.37 0.91
N TYR A 91 -13.39 -6.11 -0.28
CA TYR A 91 -12.05 -6.53 -0.68
C TYR A 91 -11.41 -5.42 -1.54
N ILE A 92 -10.12 -5.56 -1.85
CA ILE A 92 -9.41 -4.58 -2.69
C ILE A 92 -8.92 -5.23 -3.97
N VAL A 93 -9.02 -4.49 -5.08
CA VAL A 93 -8.56 -4.98 -6.38
C VAL A 93 -7.47 -4.06 -6.92
N GLU A 94 -6.36 -4.69 -7.30
CA GLU A 94 -5.17 -4.00 -7.81
C GLU A 94 -4.68 -4.74 -9.05
N LYS A 95 -4.44 -4.01 -10.13
CA LYS A 95 -3.91 -4.60 -11.37
C LYS A 95 -2.49 -5.15 -11.19
N ALA A 96 -2.02 -5.97 -12.13
CA ALA A 96 -0.68 -6.56 -12.06
C ALA A 96 0.39 -5.48 -11.95
N SER A 97 0.46 -4.60 -12.95
CA SER A 97 1.40 -3.48 -12.98
C SER A 97 0.67 -2.15 -13.01
N PRO A 98 0.17 -1.68 -11.84
CA PRO A 98 -0.56 -0.41 -11.88
C PRO A 98 0.38 0.69 -12.35
N ALA A 99 -0.11 1.50 -13.28
CA ALA A 99 0.69 2.57 -13.87
C ALA A 99 1.09 3.66 -12.87
N ASN A 100 0.15 4.11 -12.03
CA ASN A 100 0.46 5.11 -11.03
C ASN A 100 0.82 4.52 -9.66
N ASP A 101 2.11 4.30 -9.42
CA ASP A 101 2.55 3.78 -8.13
C ASP A 101 3.44 4.81 -7.41
N LEU A 102 4.75 4.72 -7.59
CA LEU A 102 5.62 5.71 -6.95
C LEU A 102 6.05 6.72 -8.00
N CYS A 103 5.38 7.87 -8.05
CA CYS A 103 5.62 8.88 -9.10
C CYS A 103 7.05 9.38 -9.06
N TYR A 104 7.48 9.89 -7.91
CA TYR A 104 8.89 10.14 -7.69
C TYR A 104 9.52 8.77 -7.43
N PRO A 105 10.56 8.41 -8.20
CA PRO A 105 11.16 7.07 -8.08
C PRO A 105 11.70 6.80 -6.68
N GLY A 106 11.62 5.55 -6.24
CA GLY A 106 12.11 5.22 -4.91
C GLY A 106 11.70 3.86 -4.41
N ASP A 107 11.28 3.82 -3.16
CA ASP A 107 11.02 2.56 -2.45
C ASP A 107 10.05 2.77 -1.31
N PHE A 108 9.16 1.81 -1.14
CA PHE A 108 8.26 1.78 0.01
C PHE A 108 8.74 0.66 0.93
N ASN A 109 9.29 1.05 2.07
CA ASN A 109 9.92 0.07 2.96
C ASN A 109 8.92 -0.84 3.65
N ASP A 110 9.22 -2.15 3.68
CA ASP A 110 8.36 -3.17 4.28
C ASP A 110 6.96 -3.12 3.68
N TYR A 111 6.90 -3.06 2.35
CA TYR A 111 5.68 -2.83 1.60
C TYR A 111 4.74 -4.03 1.61
N GLU A 112 5.31 -5.22 1.44
CA GLU A 112 4.51 -6.44 1.39
C GLU A 112 3.87 -6.76 2.74
N GLU A 113 4.55 -6.37 3.82
CA GLU A 113 4.03 -6.56 5.17
C GLU A 113 2.89 -5.59 5.43
N LEU A 114 2.98 -4.40 4.83
CA LEU A 114 1.89 -3.43 4.95
C LEU A 114 0.68 -3.93 4.18
N LYS A 115 0.89 -4.43 2.96
CA LYS A 115 -0.18 -4.98 2.17
C LYS A 115 -0.87 -6.12 2.90
N HIS A 116 -0.09 -6.96 3.58
CA HIS A 116 -0.63 -8.10 4.30
C HIS A 116 -1.45 -7.53 5.43
N LEU A 117 -1.01 -6.40 5.96
CA LEU A 117 -1.69 -5.77 7.10
C LEU A 117 -2.96 -5.10 6.62
N LEU A 118 -3.03 -4.90 5.31
CA LEU A 118 -4.19 -4.28 4.68
C LEU A 118 -5.32 -5.24 4.42
N SER A 119 -5.02 -6.53 4.35
CA SER A 119 -6.04 -7.53 4.06
C SER A 119 -6.71 -8.08 5.33
N ARG A 120 -6.68 -7.30 6.40
CA ARG A 120 -7.58 -7.50 7.53
C ARG A 120 -8.06 -6.13 8.06
N ILE A 121 -8.16 -5.20 7.11
CA ILE A 121 -8.71 -3.86 7.33
C ILE A 121 -9.80 -3.66 6.27
N ASN A 122 -10.91 -3.04 6.68
CA ASN A 122 -12.03 -2.77 5.77
C ASN A 122 -12.35 -1.29 5.56
N HIS A 123 -11.76 -0.44 6.40
CA HIS A 123 -12.08 0.98 6.36
C HIS A 123 -11.02 1.85 7.08
N PHE A 124 -10.39 2.73 6.30
CA PHE A 124 -9.53 3.79 6.85
C PHE A 124 -10.34 5.07 6.93
N GLU A 125 -10.03 5.90 7.91
CA GLU A 125 -10.56 7.26 7.93
C GLU A 125 -9.38 8.23 8.06
N LYS A 126 -9.15 9.03 7.02
CA LYS A 126 -7.99 9.90 6.92
C LYS A 126 -8.05 11.03 7.94
N ILE A 127 -6.97 11.25 8.68
CA ILE A 127 -6.90 12.44 9.55
C ILE A 127 -5.58 13.21 9.51
N GLN A 128 -5.68 14.52 9.71
CA GLN A 128 -4.54 15.40 9.65
C GLN A 128 -3.80 15.33 10.97
N ILE A 129 -2.50 15.08 10.93
CA ILE A 129 -1.75 14.99 12.18
C ILE A 129 -0.68 16.07 12.32
N ILE A 130 -0.20 16.58 11.18
CA ILE A 130 0.65 17.76 11.17
C ILE A 130 0.19 18.63 10.01
N PRO A 131 -0.47 19.76 10.31
CA PRO A 131 -0.97 20.62 9.25
C PRO A 131 0.18 21.26 8.48
N LYS A 132 0.08 21.26 7.16
CA LYS A 132 1.07 21.88 6.27
C LYS A 132 1.27 23.34 6.64
N SER A 133 0.22 23.95 7.18
CA SER A 133 0.23 25.36 7.61
C SER A 133 1.27 25.66 8.69
N SER A 134 1.57 24.65 9.52
CA SER A 134 2.36 24.85 10.74
C SER A 134 3.88 24.91 10.57
N TRP A 135 4.39 24.68 9.36
CA TRP A 135 5.83 24.73 9.17
C TRP A 135 6.28 26.18 9.07
N SER A 136 6.69 26.75 10.20
CA SER A 136 7.10 28.16 10.31
C SER A 136 8.51 28.47 9.81
N ASN A 137 9.41 27.49 9.87
CA ASN A 137 10.82 27.75 9.60
C ASN A 137 11.40 26.94 8.47
N HIS A 138 10.53 26.19 7.81
CA HIS A 138 10.90 25.44 6.63
C HIS A 138 9.90 25.70 5.52
N GLU A 139 10.42 25.87 4.31
CA GLU A 139 9.60 26.06 3.13
C GLU A 139 8.81 24.79 2.87
N ALA A 140 7.49 24.90 2.82
CA ALA A 140 6.63 23.72 2.71
C ALA A 140 5.76 23.67 1.46
N SER A 141 5.97 24.63 0.55
CA SER A 141 5.06 24.79 -0.58
C SER A 141 5.68 24.55 -1.96
N SER A 142 6.99 24.35 -2.02
CA SER A 142 7.64 24.05 -3.31
C SER A 142 8.41 22.74 -3.30
N GLY A 143 8.01 21.81 -2.46
CA GLY A 143 8.54 20.46 -2.50
C GLY A 143 7.74 19.63 -3.49
N VAL A 144 7.95 19.92 -4.77
CA VAL A 144 7.17 19.30 -5.84
C VAL A 144 8.10 18.83 -6.95
N SER A 145 7.59 18.04 -7.89
CA SER A 145 8.40 17.52 -9.00
C SER A 145 7.58 17.22 -10.25
N SER A 146 8.20 17.39 -11.41
CA SER A 146 7.54 17.02 -12.66
C SER A 146 7.29 15.50 -12.80
N ALA A 147 8.03 14.70 -12.02
CA ALA A 147 7.80 13.26 -11.93
C ALA A 147 6.44 12.94 -11.30
N CYS A 148 5.90 13.91 -10.56
CA CYS A 148 4.58 13.78 -9.97
C CYS A 148 3.67 14.85 -10.54
N PRO A 149 3.27 14.71 -11.83
CA PRO A 149 2.43 15.75 -12.40
C PRO A 149 0.99 15.65 -11.89
N TYR A 150 0.34 16.81 -11.80
CA TYR A 150 -1.11 16.90 -11.62
C TYR A 150 -1.55 17.93 -12.64
N LEU A 151 -2.46 17.52 -13.52
CA LEU A 151 -2.90 18.38 -14.64
C LEU A 151 -1.69 19.00 -15.39
N GLY A 152 -0.62 18.22 -15.50
CA GLY A 152 0.58 18.67 -16.20
C GLY A 152 1.45 19.65 -15.44
N LYS A 153 1.11 19.88 -14.18
CA LYS A 153 1.89 20.75 -13.31
C LYS A 153 2.63 19.94 -12.26
N SER A 154 3.84 20.35 -11.94
CA SER A 154 4.61 19.68 -10.91
C SER A 154 3.85 19.65 -9.58
N SER A 155 3.62 18.45 -9.08
CA SER A 155 2.96 18.25 -7.80
C SER A 155 3.80 17.25 -7.02
N PHE A 156 3.18 16.58 -6.03
CA PHE A 156 3.84 15.62 -5.15
C PHE A 156 2.78 14.83 -4.39
N PHE A 157 3.11 13.63 -3.93
CA PHE A 157 2.22 12.84 -3.07
C PHE A 157 1.54 13.77 -2.08
N ARG A 158 0.22 13.65 -1.92
CA ARG A 158 -0.49 14.65 -1.11
C ARG A 158 -0.61 14.35 0.38
N ASN A 159 -0.25 13.15 0.80
CA ASN A 159 -0.31 12.80 2.21
C ASN A 159 0.96 13.09 3.01
N VAL A 160 2.06 13.36 2.33
CA VAL A 160 3.30 13.72 3.00
C VAL A 160 3.85 15.02 2.40
N VAL A 161 4.69 15.73 3.15
CA VAL A 161 5.18 17.05 2.75
C VAL A 161 6.69 17.03 2.58
N TRP A 162 7.18 17.53 1.45
CA TRP A 162 8.59 17.53 1.17
C TRP A 162 9.21 18.86 1.61
N LEU A 163 9.64 18.93 2.86
CA LEU A 163 10.20 20.16 3.40
C LEU A 163 11.53 20.54 2.75
N ILE A 164 11.75 21.84 2.60
CA ILE A 164 12.93 22.41 1.97
C ILE A 164 13.42 23.56 2.86
N LYS A 165 14.68 23.96 2.73
CA LYS A 165 15.22 25.04 3.58
C LYS A 165 14.54 26.41 3.34
N LYS A 166 14.76 27.33 4.28
CA LYS A 166 14.17 28.66 4.21
C LYS A 166 15.19 29.66 4.75
N ASN A 167 15.37 30.78 4.04
CA ASN A 167 16.42 31.78 4.32
C ASN A 167 17.75 31.09 4.62
N SER A 168 18.21 30.33 3.63
CA SER A 168 19.48 29.60 3.70
C SER A 168 19.70 28.82 5.01
N ALA A 169 18.63 28.34 5.61
CA ALA A 169 18.71 27.65 6.90
C ALA A 169 17.67 26.53 7.00
N TYR A 170 18.00 25.50 7.77
CA TYR A 170 17.10 24.39 7.99
C TYR A 170 17.22 23.99 9.45
N PRO A 171 16.52 24.71 10.34
CA PRO A 171 16.59 24.40 11.76
C PRO A 171 16.18 22.97 12.03
N THR A 172 16.61 22.44 13.19
CA THR A 172 16.16 21.14 13.64
C THR A 172 14.64 21.11 13.84
N ILE A 173 13.99 20.10 13.26
CA ILE A 173 12.56 19.90 13.37
C ILE A 173 12.28 18.96 14.53
N LYS A 174 11.37 19.36 15.42
CA LYS A 174 10.84 18.48 16.46
C LYS A 174 9.32 18.54 16.41
N ARG A 175 8.67 17.41 16.16
CA ARG A 175 7.19 17.36 16.18
C ARG A 175 6.69 16.09 16.82
N SER A 176 5.56 16.19 17.52
CA SER A 176 4.95 15.03 18.15
C SER A 176 3.49 14.91 17.76
N TYR A 177 2.99 13.69 17.68
CA TYR A 177 1.56 13.51 17.62
C TYR A 177 1.17 12.40 18.59
N ASN A 178 0.33 12.76 19.55
CA ASN A 178 -0.23 11.80 20.50
C ASN A 178 -1.51 11.26 19.86
N ASN A 179 -1.60 9.94 19.72
CA ASN A 179 -2.79 9.33 19.13
C ASN A 179 -3.93 9.32 20.15
N THR A 180 -4.70 10.40 20.16
CA THR A 180 -5.78 10.56 21.13
C THR A 180 -7.09 10.02 20.58
N ASN A 181 -7.01 8.98 19.75
CA ASN A 181 -8.19 8.36 19.16
C ASN A 181 -8.37 6.97 19.77
N GLN A 182 -9.55 6.38 19.57
CA GLN A 182 -9.83 5.05 20.10
C GLN A 182 -9.09 3.99 19.29
N GLU A 183 -8.71 4.36 18.07
CA GLU A 183 -8.25 3.41 17.06
C GLU A 183 -6.74 3.52 16.75
N ASP A 184 -6.18 2.42 16.25
CA ASP A 184 -4.83 2.41 15.69
C ASP A 184 -4.69 3.41 14.53
N LEU A 185 -3.50 4.00 14.40
CA LEU A 185 -3.17 4.89 13.27
C LEU A 185 -2.06 4.33 12.38
N LEU A 186 -2.27 4.38 11.07
CA LEU A 186 -1.22 4.13 10.10
C LEU A 186 -0.54 5.45 9.74
N VAL A 187 0.69 5.64 10.20
CA VAL A 187 1.46 6.86 9.95
C VAL A 187 2.55 6.56 8.92
N LEU A 188 2.68 7.46 7.92
CA LEU A 188 3.65 7.32 6.82
C LEU A 188 4.56 8.53 6.78
N TRP A 189 5.84 8.32 6.51
CA TRP A 189 6.82 9.42 6.34
C TRP A 189 7.92 8.96 5.41
N GLY A 190 8.83 9.84 5.04
CA GLY A 190 9.84 9.47 4.07
C GLY A 190 11.15 10.23 4.15
N ILE A 191 12.13 9.72 3.42
CA ILE A 191 13.43 10.39 3.33
C ILE A 191 13.79 10.60 1.87
N HIS A 192 14.41 11.75 1.59
CA HIS A 192 14.90 12.07 0.25
C HIS A 192 16.40 11.79 0.14
N HIS A 193 16.75 10.87 -0.77
CA HIS A 193 18.14 10.59 -1.11
C HIS A 193 18.51 11.38 -2.36
N PRO A 194 19.21 12.51 -2.19
CA PRO A 194 19.69 13.39 -3.26
C PRO A 194 20.67 12.69 -4.16
N ASN A 195 21.06 13.33 -5.25
CA ASN A 195 22.08 12.73 -6.09
C ASN A 195 23.48 13.31 -5.99
N ASP A 196 23.68 14.33 -5.16
CA ASP A 196 25.04 14.74 -4.79
C ASP A 196 25.13 15.77 -3.67
N ALA A 197 26.35 15.95 -3.19
CA ALA A 197 26.67 16.89 -2.11
C ALA A 197 26.15 18.31 -2.36
N ALA A 198 26.25 18.76 -3.61
CA ALA A 198 25.76 20.08 -4.01
C ALA A 198 24.24 20.17 -3.86
N GLU A 199 23.54 19.14 -4.35
CA GLU A 199 22.10 19.11 -4.25
C GLU A 199 21.69 19.11 -2.77
N GLN A 200 22.38 18.31 -1.97
CA GLN A 200 22.11 18.18 -0.55
C GLN A 200 22.15 19.54 0.12
N THR A 201 23.20 20.27 -0.19
CA THR A 201 23.47 21.54 0.46
C THR A 201 22.53 22.67 -0.03
N LYS A 202 22.12 22.58 -1.29
CA LYS A 202 21.17 23.50 -1.90
C LYS A 202 19.78 23.40 -1.29
N LEU A 203 19.26 22.18 -1.20
CA LEU A 203 17.93 21.92 -0.66
C LEU A 203 17.85 22.04 0.86
N TYR A 204 18.89 21.62 1.55
CA TYR A 204 18.82 21.43 3.00
C TYR A 204 19.89 22.15 3.82
N GLN A 205 20.79 22.87 3.15
CA GLN A 205 21.87 23.58 3.81
C GLN A 205 22.89 22.68 4.52
N ASN A 206 22.40 21.90 5.48
CA ASN A 206 23.25 21.03 6.29
C ASN A 206 23.78 19.83 5.48
N PRO A 207 25.11 19.73 5.33
CA PRO A 207 25.74 18.64 4.54
C PRO A 207 25.54 17.24 5.14
N THR A 208 25.37 17.15 6.46
CA THR A 208 25.18 15.88 7.12
C THR A 208 23.91 15.93 7.96
N THR A 209 22.95 15.06 7.62
CA THR A 209 21.60 15.11 8.19
C THR A 209 21.08 13.75 8.58
N TYR A 210 19.98 13.74 9.33
CA TYR A 210 19.40 12.52 9.87
C TYR A 210 17.89 12.70 10.03
N ILE A 211 17.14 11.61 10.15
CA ILE A 211 15.75 11.66 10.60
C ILE A 211 15.58 10.60 11.68
N SER A 212 15.16 11.01 12.87
CA SER A 212 14.88 10.05 13.92
C SER A 212 13.40 10.04 14.21
N VAL A 213 12.84 8.83 14.33
CA VAL A 213 11.42 8.62 14.61
C VAL A 213 11.26 7.66 15.80
N GLY A 214 10.60 8.13 16.86
CA GLY A 214 10.39 7.28 18.01
C GLY A 214 8.95 7.17 18.44
N THR A 215 8.51 5.94 18.73
CA THR A 215 7.24 5.68 19.38
C THR A 215 7.56 4.97 20.70
N SER A 216 6.67 4.10 21.17
CA SER A 216 7.00 3.30 22.35
C SER A 216 7.68 1.99 21.93
N THR A 217 7.66 1.70 20.64
CA THR A 217 8.29 0.49 20.10
C THR A 217 9.29 0.79 18.96
N LEU A 218 9.11 1.90 18.25
CA LEU A 218 9.95 2.22 17.10
C LEU A 218 11.12 3.10 17.48
N ASN A 219 12.31 2.71 17.08
CA ASN A 219 13.53 3.45 17.38
C ASN A 219 14.36 3.54 16.11
N GLN A 220 13.98 4.47 15.25
CA GLN A 220 14.54 4.55 13.92
C GLN A 220 15.39 5.80 13.77
N ARG A 221 16.47 5.70 13.01
CA ARG A 221 17.32 6.85 12.68
C ARG A 221 17.85 6.72 11.27
N LEU A 222 17.16 7.34 10.31
CA LEU A 222 17.49 7.25 8.88
C LEU A 222 18.56 8.25 8.49
N VAL A 223 19.41 7.86 7.54
CA VAL A 223 20.44 8.75 6.99
C VAL A 223 20.37 8.71 5.46
N PRO A 224 20.34 9.88 4.81
CA PRO A 224 20.14 9.92 3.36
C PRO A 224 21.35 9.33 2.68
N LYS A 225 21.10 8.61 1.59
CA LYS A 225 22.14 7.95 0.82
C LYS A 225 22.34 8.62 -0.54
N ILE A 226 23.26 9.58 -0.57
CA ILE A 226 23.72 10.19 -1.82
C ILE A 226 24.44 9.18 -2.74
N ALA A 227 23.82 8.88 -3.88
CA ALA A 227 24.42 8.05 -4.91
C ALA A 227 24.23 8.69 -6.29
N THR A 228 24.85 8.11 -7.31
CA THR A 228 24.63 8.55 -8.68
C THR A 228 23.83 7.48 -9.39
N ARG A 229 22.64 7.85 -9.83
CA ARG A 229 21.65 6.90 -10.33
C ARG A 229 21.12 7.34 -11.68
N SER A 230 20.70 6.37 -12.46
CA SER A 230 20.05 6.63 -13.72
C SER A 230 18.70 7.26 -13.45
N LYS A 231 18.27 8.15 -14.35
CA LYS A 231 16.98 8.82 -14.22
C LYS A 231 15.81 7.87 -14.40
N VAL A 232 14.91 7.88 -13.42
CA VAL A 232 13.61 7.27 -13.57
C VAL A 232 12.60 8.41 -13.43
N ASN A 233 11.65 8.46 -14.37
CA ASN A 233 10.70 9.59 -14.49
C ASN A 233 11.40 10.95 -14.46
N GLY A 234 12.55 11.02 -15.11
CA GLY A 234 13.30 12.27 -15.20
C GLY A 234 14.11 12.58 -13.96
N GLN A 235 14.00 11.72 -12.94
CA GLN A 235 14.66 11.98 -11.66
C GLN A 235 15.71 10.94 -11.33
N SER A 236 16.83 11.40 -10.78
CA SER A 236 17.87 10.49 -10.34
C SER A 236 18.00 10.49 -8.80
N GLY A 237 17.28 11.40 -8.15
CA GLY A 237 17.12 11.34 -6.72
C GLY A 237 16.11 10.25 -6.40
N ARG A 238 16.02 9.86 -5.13
CA ARG A 238 15.06 8.87 -4.71
C ARG A 238 14.35 9.32 -3.46
N MET A 239 13.15 8.79 -3.27
CA MET A 239 12.40 8.96 -2.04
C MET A 239 12.21 7.58 -1.49
N GLU A 240 12.49 7.41 -0.20
CA GLU A 240 12.25 6.14 0.45
C GLU A 240 11.20 6.36 1.55
N PHE A 241 10.17 5.53 1.56
CA PHE A 241 9.07 5.70 2.52
C PHE A 241 9.00 4.63 3.59
N PHE A 242 8.54 5.04 4.76
CA PHE A 242 8.45 4.22 5.96
C PHE A 242 7.08 4.39 6.60
N TRP A 243 6.65 3.37 7.33
CA TRP A 243 5.36 3.39 8.02
C TRP A 243 5.41 2.75 9.41
N THR A 244 4.45 3.11 10.25
CA THR A 244 4.30 2.43 11.53
C THR A 244 2.86 2.51 11.98
N ILE A 245 2.43 1.53 12.76
CA ILE A 245 1.10 1.59 13.40
C ILE A 245 1.26 2.23 14.77
N LEU A 246 0.59 3.36 15.00
CA LEU A 246 0.65 4.01 16.30
C LEU A 246 -0.56 3.60 17.15
N LYS A 247 -0.31 2.81 18.20
CA LYS A 247 -1.35 2.33 19.12
C LYS A 247 -2.03 3.51 19.85
N PRO A 248 -3.32 3.34 20.24
CA PRO A 248 -4.03 4.37 21.00
C PRO A 248 -3.27 4.77 22.26
N ASN A 249 -3.14 6.09 22.47
CA ASN A 249 -2.38 6.67 23.57
C ASN A 249 -0.87 6.74 23.40
N ASP A 250 -0.34 6.12 22.35
CA ASP A 250 1.07 6.30 22.07
C ASP A 250 1.31 7.61 21.31
N ALA A 251 2.57 8.02 21.25
CA ALA A 251 2.92 9.25 20.59
C ALA A 251 4.10 8.97 19.66
N ILE A 252 4.12 9.63 18.51
CA ILE A 252 5.22 9.49 17.57
C ILE A 252 6.03 10.77 17.62
N ASN A 253 7.34 10.65 17.68
CA ASN A 253 8.18 11.85 17.75
C ASN A 253 9.19 11.89 16.60
N PHE A 254 9.08 12.93 15.79
CA PHE A 254 9.95 13.13 14.64
C PHE A 254 10.97 14.18 14.97
N GLU A 255 12.19 13.97 14.50
CA GLU A 255 13.22 14.98 14.64
C GLU A 255 14.17 14.83 13.46
N SER A 256 14.51 15.95 12.82
CA SER A 256 15.37 15.95 11.65
C SER A 256 15.98 17.30 11.41
N ASN A 257 17.11 17.29 10.69
CA ASN A 257 17.77 18.51 10.23
C ASN A 257 17.97 18.53 8.70
N GLY A 258 17.21 17.69 7.99
CA GLY A 258 17.24 17.68 6.52
C GLY A 258 16.73 16.39 5.91
N ASN A 259 16.34 16.46 4.64
CA ASN A 259 15.88 15.32 3.84
C ASN A 259 14.59 14.64 4.30
N PHE A 260 13.83 15.35 5.14
CA PHE A 260 12.64 14.82 5.79
C PHE A 260 11.43 14.99 4.89
N ILE A 261 10.68 13.91 4.68
CA ILE A 261 9.40 13.98 3.99
C ILE A 261 8.37 13.74 5.07
N ALA A 262 7.89 14.83 5.65
CA ALA A 262 7.00 14.86 6.83
C ALA A 262 5.59 14.38 6.55
N PRO A 263 4.91 13.77 7.55
CA PRO A 263 3.53 13.40 7.26
C PRO A 263 2.64 14.61 7.36
N GLU A 264 1.49 14.56 6.70
CA GLU A 264 0.42 15.53 6.99
C GLU A 264 -0.82 14.76 7.40
N TYR A 265 -1.14 13.73 6.64
CA TYR A 265 -2.30 12.92 6.88
C TYR A 265 -1.86 11.52 7.22
N ALA A 266 -2.49 10.94 8.25
CA ALA A 266 -2.32 9.54 8.61
C ALA A 266 -3.68 8.88 8.42
N TYR A 267 -3.78 7.60 8.77
CA TYR A 267 -5.02 6.83 8.59
C TYR A 267 -5.51 6.18 9.86
N LYS A 268 -6.75 6.46 10.24
CA LYS A 268 -7.38 5.78 11.37
C LYS A 268 -7.93 4.45 10.85
N ILE A 269 -7.45 3.35 11.42
CA ILE A 269 -7.99 2.03 11.11
C ILE A 269 -9.29 1.86 11.89
N VAL A 270 -10.41 2.14 11.23
CA VAL A 270 -11.71 2.20 11.92
C VAL A 270 -12.49 0.89 11.87
N LYS A 271 -12.33 0.12 10.81
CA LYS A 271 -13.02 -1.17 10.68
C LYS A 271 -12.05 -2.29 10.37
N LYS A 272 -11.83 -3.17 11.34
CA LYS A 272 -11.04 -4.38 11.14
C LYS A 272 -11.95 -5.56 10.84
N GLY A 273 -11.49 -6.46 9.96
CA GLY A 273 -12.27 -7.64 9.60
C GLY A 273 -11.71 -8.37 8.39
N ASP A 274 -12.37 -9.46 7.98
CA ASP A 274 -11.88 -10.24 6.83
C ASP A 274 -11.87 -9.42 5.55
N SER A 275 -10.73 -9.41 4.88
CA SER A 275 -10.53 -8.65 3.63
C SER A 275 -9.44 -9.31 2.78
N ALA A 276 -9.15 -8.75 1.62
CA ALA A 276 -8.09 -9.29 0.76
C ALA A 276 -7.65 -8.29 -0.30
N ILE A 277 -6.46 -8.52 -0.85
CA ILE A 277 -6.02 -7.82 -2.04
C ILE A 277 -6.03 -8.81 -3.19
N MET A 278 -6.83 -8.52 -4.19
CA MET A 278 -6.97 -9.39 -5.33
C MET A 278 -6.29 -8.79 -6.55
N LYS A 279 -5.46 -9.59 -7.23
CA LYS A 279 -4.81 -9.13 -8.45
C LYS A 279 -5.65 -9.50 -9.67
N SER A 280 -6.20 -8.48 -10.33
CA SER A 280 -7.14 -8.65 -11.43
C SER A 280 -7.02 -7.50 -12.43
N GLU A 281 -7.43 -7.73 -13.68
CA GLU A 281 -7.42 -6.67 -14.69
C GLU A 281 -8.81 -6.12 -14.94
N LEU A 282 -9.82 -6.76 -14.37
CA LEU A 282 -11.23 -6.45 -14.61
C LEU A 282 -11.68 -5.12 -14.02
N GLU A 283 -12.61 -4.46 -14.71
CA GLU A 283 -13.24 -3.25 -14.19
C GLU A 283 -14.50 -3.65 -13.40
N TYR A 284 -15.12 -2.69 -12.71
CA TYR A 284 -16.32 -2.93 -11.90
C TYR A 284 -17.54 -3.35 -12.73
N GLY A 285 -18.27 -4.36 -12.24
CA GLY A 285 -19.36 -4.97 -13.02
C GLY A 285 -20.78 -4.62 -12.63
N ASN A 286 -20.94 -3.77 -11.60
CA ASN A 286 -22.26 -3.31 -11.10
C ASN A 286 -23.15 -4.38 -10.47
N CYS A 287 -22.73 -5.64 -10.60
CA CYS A 287 -23.50 -6.75 -10.03
C CYS A 287 -23.20 -6.99 -8.56
N ASN A 288 -23.63 -8.14 -8.06
CA ASN A 288 -23.47 -8.52 -6.66
C ASN A 288 -23.20 -10.03 -6.64
N THR A 289 -22.62 -10.53 -5.56
CA THR A 289 -22.31 -11.96 -5.45
C THR A 289 -22.01 -12.39 -4.01
N LYS A 290 -21.79 -13.70 -3.84
CA LYS A 290 -21.38 -14.26 -2.56
C LYS A 290 -20.01 -14.95 -2.68
N CYS A 291 -19.52 -15.03 -3.91
CA CYS A 291 -18.22 -15.62 -4.20
C CYS A 291 -17.56 -14.90 -5.37
N GLN A 292 -16.38 -14.32 -5.14
CA GLN A 292 -15.65 -13.59 -6.17
C GLN A 292 -14.29 -14.21 -6.46
N THR A 293 -13.91 -14.21 -7.74
CA THR A 293 -12.58 -14.65 -8.18
C THR A 293 -11.95 -13.59 -9.07
N PRO A 294 -10.62 -13.66 -9.29
CA PRO A 294 -9.97 -12.69 -10.16
C PRO A 294 -10.48 -12.74 -11.60
N MET A 295 -10.93 -13.91 -12.04
CA MET A 295 -11.48 -14.11 -13.38
C MET A 295 -12.91 -13.58 -13.53
N GLY A 296 -13.68 -13.68 -12.45
CA GLY A 296 -15.06 -13.20 -12.41
C GLY A 296 -15.82 -13.80 -11.23
N ALA A 297 -17.06 -13.35 -11.02
CA ALA A 297 -17.88 -13.84 -9.91
C ALA A 297 -18.52 -15.20 -10.19
N ILE A 298 -18.93 -15.88 -9.13
CA ILE A 298 -19.56 -17.19 -9.24
C ILE A 298 -20.95 -17.21 -8.58
N ASN A 299 -21.96 -17.53 -9.37
CA ASN A 299 -23.29 -17.91 -8.84
C ASN A 299 -23.51 -19.39 -9.06
N SER A 300 -23.35 -20.18 -8.00
CA SER A 300 -23.38 -21.64 -8.09
C SER A 300 -23.79 -22.35 -6.82
N SER A 301 -24.20 -23.61 -6.99
CA SER A 301 -24.71 -24.45 -5.90
C SER A 301 -23.79 -25.66 -5.69
N MET A 302 -22.92 -25.91 -6.66
CA MET A 302 -22.00 -27.05 -6.69
C MET A 302 -21.07 -27.08 -5.45
N PRO A 303 -20.48 -28.26 -5.15
CA PRO A 303 -19.50 -28.32 -4.06
C PRO A 303 -18.08 -27.90 -4.46
N PHE A 304 -17.75 -28.01 -5.75
CA PHE A 304 -16.40 -27.69 -6.25
C PHE A 304 -16.42 -26.63 -7.35
N HIS A 305 -15.23 -26.13 -7.71
CA HIS A 305 -15.08 -25.22 -8.85
C HIS A 305 -13.70 -25.31 -9.55
N ASN A 306 -13.56 -24.56 -10.65
CA ASN A 306 -12.52 -24.79 -11.62
C ASN A 306 -11.73 -23.51 -11.97
N ILE A 307 -12.32 -22.37 -11.66
CA ILE A 307 -11.83 -21.09 -12.14
C ILE A 307 -10.45 -20.58 -11.76
N HIS A 308 -10.28 -20.27 -10.48
CA HIS A 308 -9.09 -19.58 -9.99
C HIS A 308 -8.95 -19.90 -8.50
N PRO A 309 -7.74 -20.30 -8.07
CA PRO A 309 -7.54 -20.75 -6.69
C PRO A 309 -7.74 -19.68 -5.61
N LEU A 310 -7.57 -18.42 -5.97
CA LEU A 310 -7.61 -17.33 -5.00
C LEU A 310 -8.97 -16.64 -5.00
N THR A 311 -9.91 -17.19 -4.23
CA THR A 311 -11.30 -16.69 -4.17
C THR A 311 -11.58 -16.02 -2.83
N ILE A 312 -12.66 -15.26 -2.75
CA ILE A 312 -13.09 -14.66 -1.49
C ILE A 312 -14.62 -14.79 -1.28
N GLY A 313 -15.01 -15.13 -0.05
CA GLY A 313 -16.41 -15.29 0.33
C GLY A 313 -16.79 -16.74 0.55
N GLU A 314 -18.10 -17.00 0.66
CA GLU A 314 -18.61 -18.38 0.71
C GLU A 314 -18.49 -19.01 -0.68
N CYS A 315 -17.57 -19.95 -0.83
CA CYS A 315 -17.21 -20.49 -2.14
C CYS A 315 -17.12 -22.01 -2.17
N PRO A 316 -17.45 -22.63 -3.33
CA PRO A 316 -17.08 -24.02 -3.57
C PRO A 316 -15.56 -24.19 -3.52
N LYS A 317 -15.10 -25.37 -3.13
CA LYS A 317 -13.66 -25.64 -3.03
C LYS A 317 -13.03 -25.75 -4.42
N TYR A 318 -11.77 -25.35 -4.53
CA TYR A 318 -11.06 -25.34 -5.81
C TYR A 318 -10.36 -26.67 -6.10
N VAL A 319 -10.49 -27.15 -7.35
CA VAL A 319 -9.73 -28.30 -7.85
C VAL A 319 -9.19 -28.04 -9.26
N LYS A 320 -8.11 -28.73 -9.62
CA LYS A 320 -7.47 -28.57 -10.94
C LYS A 320 -8.16 -29.37 -12.06
N SER A 321 -9.16 -30.16 -11.68
CA SER A 321 -9.86 -31.11 -12.57
C SER A 321 -10.46 -30.51 -13.83
N ASN A 322 -10.64 -31.35 -14.85
CA ASN A 322 -11.19 -30.92 -16.13
C ASN A 322 -12.46 -31.68 -16.54
N MET B 59 -16.02 -32.78 3.41
CA MET B 59 -14.94 -32.06 2.69
C MET B 59 -14.93 -30.54 2.90
N ASN B 60 -15.74 -30.06 3.85
CA ASN B 60 -15.86 -28.63 4.18
C ASN B 60 -14.53 -27.97 4.61
N THR B 61 -13.65 -28.77 5.22
CA THR B 61 -12.33 -28.30 5.65
C THR B 61 -11.27 -28.81 4.68
N GLN B 62 -11.16 -28.10 3.56
CA GLN B 62 -10.17 -28.39 2.54
C GLN B 62 -9.34 -27.12 2.34
N PHE B 63 -8.08 -27.30 1.93
CA PHE B 63 -7.13 -26.20 1.77
C PHE B 63 -7.68 -25.04 0.92
N GLU B 64 -7.64 -23.84 1.50
CA GLU B 64 -8.00 -22.61 0.79
C GLU B 64 -6.77 -21.70 0.63
N ALA B 65 -6.41 -21.41 -0.62
CA ALA B 65 -5.22 -20.61 -0.93
C ALA B 65 -5.43 -19.13 -0.67
N VAL B 66 -4.43 -18.49 -0.06
CA VAL B 66 -4.43 -17.03 0.11
C VAL B 66 -3.32 -16.43 -0.77
N GLY B 67 -3.59 -15.24 -1.28
CA GLY B 67 -2.58 -14.50 -2.03
C GLY B 67 -1.59 -13.87 -1.06
N ARG B 68 -0.32 -14.10 -1.32
CA ARG B 68 0.74 -13.47 -0.54
C ARG B 68 1.74 -12.86 -1.49
N GLU B 69 2.37 -11.77 -1.05
CA GLU B 69 3.30 -11.05 -1.90
C GLU B 69 4.72 -10.93 -1.34
N PHE B 70 5.69 -11.05 -2.24
CA PHE B 70 7.11 -11.07 -1.88
C PHE B 70 7.89 -10.19 -2.83
N ASN B 71 8.91 -9.51 -2.33
CA ASN B 71 9.71 -8.62 -3.20
C ASN B 71 10.80 -9.33 -4.02
N ASN B 72 11.57 -8.55 -4.79
CA ASN B 72 12.59 -9.08 -5.70
C ASN B 72 13.72 -9.89 -5.05
N LEU B 73 13.92 -9.71 -3.74
CA LEU B 73 14.94 -10.42 -2.99
C LEU B 73 14.34 -11.40 -1.99
N GLU B 74 13.09 -11.78 -2.23
CA GLU B 74 12.38 -12.73 -1.39
C GLU B 74 11.96 -13.88 -2.29
N ARG B 75 12.78 -14.16 -3.29
CA ARG B 75 12.39 -15.09 -4.34
C ARG B 75 12.34 -16.54 -3.90
N ARG B 76 13.20 -16.92 -2.96
CA ARG B 76 13.18 -18.27 -2.38
C ARG B 76 11.89 -18.55 -1.62
N ILE B 77 11.44 -17.63 -0.76
CA ILE B 77 10.21 -17.87 0.00
C ILE B 77 8.96 -17.66 -0.86
N GLU B 78 9.08 -16.87 -1.91
CA GLU B 78 8.02 -16.80 -2.91
C GLU B 78 7.85 -18.17 -3.55
N ASN B 79 8.97 -18.80 -3.86
CA ASN B 79 8.96 -20.10 -4.49
C ASN B 79 8.48 -21.13 -3.50
N LEU B 80 8.89 -21.01 -2.24
CA LEU B 80 8.45 -21.94 -1.20
C LEU B 80 6.94 -21.87 -1.06
N ASN B 81 6.43 -20.64 -1.02
CA ASN B 81 4.98 -20.40 -0.94
C ASN B 81 4.21 -20.95 -2.13
N LYS B 82 4.74 -20.75 -3.32
CA LYS B 82 4.08 -21.21 -4.54
C LYS B 82 3.97 -22.74 -4.55
N LYS B 83 5.09 -23.41 -4.30
CA LYS B 83 5.14 -24.87 -4.30
C LYS B 83 4.35 -25.50 -3.15
N MET B 84 4.03 -24.72 -2.12
CA MET B 84 3.17 -25.21 -1.04
C MET B 84 1.71 -25.11 -1.44
N GLU B 85 1.30 -23.96 -1.96
CA GLU B 85 -0.09 -23.74 -2.36
C GLU B 85 -0.46 -24.68 -3.50
N ASP B 86 0.44 -24.80 -4.47
CA ASP B 86 0.28 -25.81 -5.51
C ASP B 86 0.27 -27.21 -4.90
N GLY B 87 1.21 -27.47 -4.00
CA GLY B 87 1.32 -28.76 -3.33
C GLY B 87 0.02 -29.26 -2.74
N PHE B 88 -0.67 -28.37 -2.03
CA PHE B 88 -1.94 -28.72 -1.38
C PHE B 88 -3.10 -28.80 -2.36
N LEU B 89 -3.06 -27.96 -3.39
CA LEU B 89 -4.06 -28.01 -4.45
C LEU B 89 -3.98 -29.33 -5.18
N ASP B 90 -2.76 -29.73 -5.53
CA ASP B 90 -2.51 -31.01 -6.20
C ASP B 90 -2.97 -32.20 -5.36
N VAL B 91 -2.81 -32.10 -4.04
CA VAL B 91 -3.27 -33.14 -3.12
C VAL B 91 -4.79 -33.26 -3.10
N TRP B 92 -5.48 -32.15 -2.87
CA TRP B 92 -6.94 -32.18 -2.79
C TRP B 92 -7.61 -32.43 -4.14
N THR B 93 -6.96 -32.04 -5.23
CA THR B 93 -7.44 -32.41 -6.56
C THR B 93 -7.44 -33.93 -6.66
N TYR B 94 -6.31 -34.54 -6.33
CA TYR B 94 -6.20 -36.00 -6.30
C TYR B 94 -7.21 -36.63 -5.33
N ASN B 95 -7.42 -36.00 -4.19
CA ASN B 95 -8.32 -36.55 -3.17
C ASN B 95 -9.81 -36.52 -3.56
N ALA B 96 -10.19 -35.54 -4.37
CA ALA B 96 -11.57 -35.41 -4.86
C ALA B 96 -11.82 -36.27 -6.09
N GLU B 97 -10.84 -36.32 -6.99
CA GLU B 97 -10.91 -37.17 -8.17
C GLU B 97 -10.99 -38.67 -7.81
N LEU B 98 -10.33 -39.07 -6.74
CA LEU B 98 -10.32 -40.46 -6.33
C LEU B 98 -11.39 -40.79 -5.30
N LEU B 99 -12.05 -39.77 -4.74
CA LEU B 99 -13.25 -40.03 -3.93
C LEU B 99 -14.37 -40.44 -4.88
N VAL B 100 -14.50 -39.68 -5.97
CA VAL B 100 -15.45 -39.98 -7.05
C VAL B 100 -15.24 -41.41 -7.56
N LEU B 101 -14.03 -41.72 -8.02
CA LEU B 101 -13.67 -43.07 -8.47
C LEU B 101 -13.49 -44.05 -7.31
C1 NAG C . -0.65 10.86 25.26
C2 NAG C . 0.42 10.50 26.27
C3 NAG C . -0.12 10.00 27.60
C4 NAG C . -1.41 10.67 28.10
C5 NAG C . -2.37 10.90 26.91
C6 NAG C . -3.63 11.70 27.23
C7 NAG C . 2.50 9.58 25.42
C8 NAG C . 3.14 8.34 24.87
N2 NAG C . 1.21 9.44 25.72
O3 NAG C . 0.86 10.12 28.60
O4 NAG C . -1.89 9.80 29.11
O5 NAG C . -1.69 11.58 25.87
O6 NAG C . -3.32 13.04 27.57
O7 NAG C . 3.14 10.62 25.57
C1 NAG C . -2.73 10.43 30.10
C2 NAG C . -3.55 9.36 30.80
C3 NAG C . -3.63 9.57 32.31
C4 NAG C . -2.27 9.82 32.93
C5 NAG C . -1.44 10.87 32.18
C6 NAG C . -0.02 10.38 31.88
C7 NAG C . -5.25 8.34 29.35
C8 NAG C . -6.65 8.45 28.80
N2 NAG C . -4.87 9.31 30.19
O3 NAG C . -4.21 8.44 32.92
O4 NAG C . -2.44 10.23 34.28
O5 NAG C . -2.08 11.35 31.00
O6 NAG C . 0.89 11.43 32.18
O7 NAG C . -4.54 7.39 29.03
S SO4 D . 9.10 24.59 12.13
O1 SO4 D . 7.83 25.12 12.63
O2 SO4 D . 10.24 25.19 12.81
O3 SO4 D . 9.12 23.15 12.40
O4 SO4 D . 9.25 24.81 10.70
S SO4 E . 11.84 18.72 -11.06
O1 SO4 E . 10.95 19.86 -10.86
O2 SO4 E . 13.23 19.16 -10.94
O3 SO4 E . 11.59 17.70 -10.05
O4 SO4 E . 11.63 18.17 -12.40
#